data_4PY5
#
_entry.id   4PY5
#
_cell.length_a   58.449
_cell.length_b   67.661
_cell.length_c   107.514
_cell.angle_alpha   90.00
_cell.angle_beta   90.00
_cell.angle_gamma   90.00
#
_symmetry.space_group_name_H-M   'P 21 21 21'
#
loop_
_entity.id
_entity.type
_entity.pdbx_description
1 polymer Ribonuclease
2 polymer "5'-R(*GP*AP*GP*UP*GP*CP*GP*AP*CP*AP*CP*CP*UP*GP*AP*UP*UP*CP*C)-3'"
3 polymer "5'-D(*GP*GP*AP*AP*TP*CP*AP*GP*GP*TP*GP*TP*CP*GP*CP*AP*CP*TP*C)-3'"
4 non-polymer 'MAGNESIUM ION'
5 non-polymer 'SULFATE ION'
6 non-polymer GLYCEROL
7 water water
#
loop_
_entity_poly.entity_id
_entity_poly.type
_entity_poly.pdbx_seq_one_letter_code
_entity_poly.pdbx_strand_id
1 'polypeptide(L)'
;SMKLSSSEKEKLLKKLKALGAKEEKPPEHAQYRLRLNDAILTVYKSGSVVYGGKGREKLKELVAETVLSDTELPRIGCNE
AGKGEFVGPLVVACIVADEKCLKRLIELGVKDSKKLSNEKVEELASEITETCHGKVKLLIPEKYNRAYSKFKNINRLLEA
VYREIVSDLCEKFSPKVVVVDKFSNRAEEVLKDVVKGARLEVRPKAEDDLAVAAASIVAKAVRLKTMKELEKRFKVKLPE
GNTGLAELLKKTPKELHEKLFKLHFSVGGKK
;
A
2 'polyribonucleotide' GAGUGCGACACCUGAUUCC B
3 'polydeoxyribonucleotide' (DG)(DG)(DA)(DA)(DT)(DC)(DA)(DG)(DG)(DT)(DG)(DT)(DC)(DG)(DC)(DA)(DC)(DT)(DC) C
#
loop_
_chem_comp.id
_chem_comp.type
_chem_comp.name
_chem_comp.formula
A RNA linking ADENOSINE-5'-MONOPHOSPHATE 'C10 H14 N5 O7 P'
C RNA linking CYTIDINE-5'-MONOPHOSPHATE 'C9 H14 N3 O8 P'
DA DNA linking 2'-DEOXYADENOSINE-5'-MONOPHOSPHATE 'C10 H14 N5 O6 P'
DC DNA linking 2'-DEOXYCYTIDINE-5'-MONOPHOSPHATE 'C9 H14 N3 O7 P'
DG DNA linking 2'-DEOXYGUANOSINE-5'-MONOPHOSPHATE 'C10 H14 N5 O7 P'
DT DNA linking THYMIDINE-5'-MONOPHOSPHATE 'C10 H15 N2 O8 P'
G RNA linking GUANOSINE-5'-MONOPHOSPHATE 'C10 H14 N5 O8 P'
GOL non-polymer GLYCEROL 'C3 H8 O3'
MG non-polymer 'MAGNESIUM ION' 'Mg 2'
SO4 non-polymer 'SULFATE ION' 'O4 S -2'
U RNA linking URIDINE-5'-MONOPHOSPHATE 'C9 H13 N2 O9 P'
#
# COMPACT_ATOMS: atom_id res chain seq x y z
N SER A 1 4.76 -7.12 -9.85
CA SER A 1 5.08 -6.12 -10.86
C SER A 1 4.33 -4.83 -10.53
N MET A 2 4.96 -3.69 -10.79
CA MET A 2 4.31 -2.41 -10.54
C MET A 2 3.35 -2.05 -11.68
N LYS A 3 2.46 -1.11 -11.39
CA LYS A 3 1.43 -0.69 -12.31
C LYS A 3 1.74 0.70 -12.91
N LEU A 4 1.92 0.77 -14.23
CA LEU A 4 2.11 2.06 -14.92
C LEU A 4 0.78 2.76 -15.19
N SER A 5 0.81 4.09 -15.18
CA SER A 5 -0.37 4.87 -15.54
C SER A 5 -0.50 4.89 -17.06
N SER A 6 -1.66 5.35 -17.52
CA SER A 6 -1.96 5.45 -18.93
C SER A 6 -0.88 6.25 -19.66
N SER A 7 -0.53 7.42 -19.11
CA SER A 7 0.47 8.28 -19.75
C SER A 7 1.86 7.63 -19.75
N GLU A 8 2.19 6.92 -18.66
CA GLU A 8 3.46 6.22 -18.58
C GLU A 8 3.57 5.07 -19.59
N LYS A 9 2.48 4.30 -19.75
CA LYS A 9 2.48 3.23 -20.76
C LYS A 9 2.80 3.82 -22.13
N GLU A 10 2.16 4.92 -22.47
CA GLU A 10 2.35 5.54 -23.78
C GLU A 10 3.76 6.10 -23.92
N LYS A 11 4.21 6.82 -22.89
CA LYS A 11 5.55 7.41 -22.91
C LYS A 11 6.63 6.32 -22.94
N LEU A 12 6.42 5.23 -22.19
CA LEU A 12 7.40 4.13 -22.20
C LEU A 12 7.52 3.47 -23.57
N LEU A 13 6.37 3.22 -24.21
CA LEU A 13 6.34 2.61 -25.53
C LEU A 13 7.09 3.47 -26.54
N LYS A 14 6.79 4.77 -26.56
CA LYS A 14 7.45 5.68 -27.50
C LYS A 14 8.95 5.66 -27.27
N LYS A 15 9.34 5.76 -26.01
CA LYS A 15 10.75 5.77 -25.61
C LYS A 15 11.48 4.49 -26.07
N LEU A 16 10.86 3.34 -25.90
CA LEU A 16 11.51 2.08 -26.28
C LEU A 16 11.62 1.91 -27.80
N LYS A 17 10.61 2.40 -28.52
CA LYS A 17 10.65 2.36 -29.97
C LYS A 17 11.74 3.29 -30.48
N ALA A 18 11.90 4.43 -29.80
CA ALA A 18 12.87 5.44 -30.21
C ALA A 18 14.31 5.01 -30.02
N LEU A 19 14.53 3.96 -29.23
CA LEU A 19 15.88 3.39 -29.17
C LEU A 19 15.94 2.00 -29.80
N GLY A 20 14.98 1.74 -30.69
CA GLY A 20 15.08 0.58 -31.57
C GLY A 20 14.33 -0.69 -31.22
N ALA A 21 13.66 -0.73 -30.07
CA ALA A 21 12.95 -1.95 -29.66
C ALA A 21 11.98 -2.46 -30.71
N LYS A 22 11.90 -3.77 -30.85
CA LYS A 22 11.03 -4.38 -31.83
C LYS A 22 9.70 -4.81 -31.19
N GLU A 23 8.59 -4.41 -31.79
CA GLU A 23 7.30 -4.85 -31.27
C GLU A 23 7.07 -6.32 -31.56
N GLU A 24 6.57 -7.04 -30.55
CA GLU A 24 6.22 -8.45 -30.73
C GLU A 24 4.75 -8.67 -30.41
N LYS A 25 4.25 -9.87 -30.73
CA LYS A 25 2.87 -10.20 -30.48
C LYS A 25 2.60 -10.34 -28.98
N PRO A 26 1.75 -9.46 -28.43
CA PRO A 26 1.43 -9.45 -26.99
C PRO A 26 0.49 -10.57 -26.55
N PRO A 27 0.73 -11.12 -25.34
CA PRO A 27 -0.14 -12.16 -24.75
C PRO A 27 -1.54 -11.63 -24.42
N GLU A 28 -2.43 -12.55 -24.06
CA GLU A 28 -3.81 -12.22 -23.71
C GLU A 28 -3.80 -11.11 -22.66
N HIS A 29 -4.66 -10.11 -22.84
CA HIS A 29 -4.84 -9.01 -21.90
C HIS A 29 -3.67 -8.03 -21.83
N ALA A 30 -2.64 -8.26 -22.64
CA ALA A 30 -1.50 -7.35 -22.70
C ALA A 30 -1.73 -6.21 -23.70
N GLN A 31 -1.13 -5.06 -23.44
CA GLN A 31 -1.25 -3.92 -24.36
C GLN A 31 -0.15 -3.96 -25.43
N TYR A 32 1.08 -4.20 -24.98
CA TYR A 32 2.18 -4.36 -25.91
C TYR A 32 3.32 -5.19 -25.35
N ARG A 33 4.15 -5.70 -26.25
CA ARG A 33 5.31 -6.50 -25.90
C ARG A 33 6.47 -6.08 -26.77
N LEU A 34 7.58 -5.72 -26.13
CA LEU A 34 8.74 -5.21 -26.86
C LEU A 34 9.96 -6.06 -26.55
N ARG A 35 10.80 -6.26 -27.56
CA ARG A 35 12.08 -6.89 -27.33
C ARG A 35 13.18 -5.86 -27.53
N LEU A 36 14.13 -5.82 -26.61
CA LEU A 36 15.30 -4.97 -26.77
C LEU A 36 16.53 -5.84 -26.49
N ASN A 37 17.26 -6.17 -27.56
CA ASN A 37 18.26 -7.24 -27.52
C ASN A 37 17.63 -8.58 -27.15
N ASP A 38 17.96 -9.11 -25.97
CA ASP A 38 17.35 -10.36 -25.54
C ASP A 38 16.43 -10.17 -24.35
N ALA A 39 16.23 -8.92 -23.95
CA ALA A 39 15.28 -8.59 -22.89
C ALA A 39 13.87 -8.34 -23.44
N ILE A 40 12.87 -8.84 -22.71
CA ILE A 40 11.47 -8.69 -23.06
C ILE A 40 10.75 -7.80 -22.03
N LEU A 41 9.95 -6.87 -22.53
CA LEU A 41 9.11 -6.08 -21.66
C LEU A 41 7.67 -6.31 -22.08
N THR A 42 6.83 -6.72 -21.13
CA THR A 42 5.41 -6.84 -21.39
C THR A 42 4.63 -5.87 -20.51
N VAL A 43 3.77 -5.09 -21.16
CA VAL A 43 2.91 -4.14 -20.48
C VAL A 43 1.46 -4.57 -20.69
N TYR A 44 0.76 -4.83 -19.59
CA TYR A 44 -0.61 -5.28 -19.63
C TYR A 44 -1.52 -4.07 -19.70
N LYS A 45 -2.76 -4.26 -20.17
CA LYS A 45 -3.68 -3.14 -20.27
C LYS A 45 -3.99 -2.55 -18.90
N SER A 46 -3.92 -3.38 -17.88
CA SER A 46 -4.13 -2.93 -16.49
C SER A 46 -3.06 -1.92 -16.11
N GLY A 47 -1.92 -1.98 -16.79
CA GLY A 47 -0.78 -1.15 -16.46
C GLY A 47 0.40 -1.91 -15.86
N SER A 48 0.20 -3.18 -15.52
CA SER A 48 1.27 -3.96 -14.92
C SER A 48 2.39 -4.18 -15.93
N VAL A 49 3.62 -3.95 -15.51
CA VAL A 49 4.74 -4.11 -16.43
C VAL A 49 5.64 -5.24 -15.95
N VAL A 50 5.88 -6.20 -16.85
CA VAL A 50 6.60 -7.43 -16.52
C VAL A 50 7.88 -7.58 -17.36
N TYR A 51 9.01 -7.80 -16.68
CA TYR A 51 10.28 -8.04 -17.35
C TYR A 51 10.49 -9.53 -17.65
N GLY A 52 11.02 -9.84 -18.83
CA GLY A 52 11.32 -11.21 -19.21
C GLY A 52 12.55 -11.25 -20.09
N GLY A 53 12.87 -12.41 -20.66
CA GLY A 53 14.07 -12.55 -21.47
C GLY A 53 15.32 -12.51 -20.59
N LYS A 54 16.43 -12.04 -21.15
CA LYS A 54 17.68 -11.95 -20.39
C LYS A 54 18.29 -10.57 -20.58
N GLY A 55 19.08 -10.14 -19.60
CA GLY A 55 19.67 -8.82 -19.63
C GLY A 55 18.62 -7.75 -19.44
N ARG A 56 17.87 -7.87 -18.35
CA ARG A 56 16.69 -7.06 -18.09
C ARG A 56 17.00 -5.68 -17.50
N GLU A 57 18.28 -5.45 -17.21
CA GLU A 57 18.76 -4.22 -16.59
C GLU A 57 18.38 -2.94 -17.36
N LYS A 58 18.55 -2.97 -18.67
CA LYS A 58 18.26 -1.80 -19.49
C LYS A 58 16.78 -1.46 -19.46
N LEU A 59 15.95 -2.50 -19.49
CA LEU A 59 14.49 -2.32 -19.43
C LEU A 59 14.06 -1.73 -18.08
N LYS A 60 14.66 -2.22 -17.01
CA LYS A 60 14.31 -1.76 -15.67
C LYS A 60 14.63 -0.29 -15.50
N GLU A 61 15.77 0.11 -16.04
CA GLU A 61 16.21 1.50 -15.97
C GLU A 61 15.28 2.42 -16.78
N LEU A 62 14.83 1.95 -17.93
CA LEU A 62 13.97 2.75 -18.80
C LEU A 62 12.61 2.99 -18.16
N VAL A 63 12.06 1.96 -17.54
CA VAL A 63 10.82 2.06 -16.79
C VAL A 63 10.98 3.06 -15.64
N ALA A 64 12.08 2.92 -14.88
CA ALA A 64 12.36 3.85 -13.79
C ALA A 64 12.40 5.30 -14.25
N GLU A 65 13.12 5.55 -15.35
CA GLU A 65 13.18 6.88 -15.94
C GLU A 65 11.81 7.39 -16.30
N THR A 66 10.99 6.52 -16.89
CA THR A 66 9.66 6.93 -17.32
C THR A 66 8.79 7.32 -16.14
N VAL A 67 8.84 6.53 -15.08
CA VAL A 67 7.97 6.77 -13.94
C VAL A 67 8.47 7.99 -13.19
N LEU A 68 9.79 8.11 -13.09
CA LEU A 68 10.41 9.26 -12.46
C LEU A 68 10.11 10.57 -13.17
N SER A 69 10.00 10.56 -14.50
CA SER A 69 9.81 11.80 -15.27
C SER A 69 8.46 12.48 -15.03
N ASP A 70 7.44 11.70 -14.70
CA ASP A 70 6.12 12.31 -14.46
C ASP A 70 5.58 12.11 -13.03
N THR A 71 6.46 11.74 -12.09
CA THR A 71 6.05 11.60 -10.70
C THR A 71 6.64 12.71 -9.84
N GLU A 72 5.78 13.55 -9.28
CA GLU A 72 6.25 14.62 -8.39
C GLU A 72 6.72 14.07 -7.03
N LEU A 73 7.90 14.51 -6.61
CA LEU A 73 8.52 14.09 -5.35
C LEU A 73 8.92 15.33 -4.57
N PRO A 74 8.98 15.24 -3.22
CA PRO A 74 8.64 14.06 -2.41
C PRO A 74 7.11 13.94 -2.34
N ARG A 75 6.63 12.72 -2.11
CA ARG A 75 5.20 12.51 -1.98
C ARG A 75 4.96 11.55 -0.84
N ILE A 76 3.73 11.50 -0.35
CA ILE A 76 3.36 10.56 0.70
C ILE A 76 2.19 9.72 0.19
N GLY A 77 2.26 8.41 0.42
CA GLY A 77 1.15 7.51 0.14
C GLY A 77 0.67 6.91 1.46
N CYS A 78 -0.64 6.75 1.60
CA CYS A 78 -1.26 6.41 2.87
C CYS A 78 -2.27 5.30 2.67
N ASN A 79 -2.29 4.34 3.59
CA ASN A 79 -3.18 3.20 3.45
C ASN A 79 -3.36 2.53 4.82
N GLU A 80 -4.41 1.72 4.95
CA GLU A 80 -4.65 1.01 6.18
C GLU A 80 -4.89 -0.47 5.94
N ALA A 81 -4.59 -1.29 6.95
CA ALA A 81 -4.95 -2.72 6.94
C ALA A 81 -5.71 -3.04 8.23
N GLY A 82 -6.47 -4.13 8.24
CA GLY A 82 -7.12 -4.59 9.46
C GLY A 82 -8.41 -3.85 9.77
N LYS A 83 -8.86 -3.04 8.82
CA LYS A 83 -10.09 -2.25 8.97
C LYS A 83 -11.35 -3.10 8.98
N GLY A 84 -11.45 -4.09 8.09
CA GLY A 84 -12.66 -4.88 8.00
C GLY A 84 -12.56 -6.26 8.65
N GLU A 85 -11.46 -6.51 9.36
CA GLU A 85 -11.28 -7.82 9.98
C GLU A 85 -11.66 -7.73 11.45
N PHE A 86 -12.50 -8.68 11.88
CA PHE A 86 -12.99 -8.72 13.25
C PHE A 86 -11.83 -9.00 14.18
N VAL A 87 -10.88 -9.81 13.71
CA VAL A 87 -9.78 -10.23 14.57
C VAL A 87 -8.55 -9.37 14.34
N GLY A 88 -7.90 -8.96 15.42
CA GLY A 88 -6.61 -8.33 15.31
C GLY A 88 -6.62 -6.83 15.11
N PRO A 89 -5.43 -6.30 14.84
CA PRO A 89 -5.24 -4.85 14.87
C PRO A 89 -5.79 -4.12 13.65
N LEU A 90 -5.92 -2.81 13.84
CA LEU A 90 -6.08 -1.88 12.75
C LEU A 90 -4.71 -1.26 12.62
N VAL A 91 -4.20 -1.14 11.38
CA VAL A 91 -2.90 -0.53 11.17
C VAL A 91 -2.99 0.53 10.07
N VAL A 92 -2.59 1.76 10.38
CA VAL A 92 -2.49 2.81 9.38
C VAL A 92 -1.01 3.10 9.11
N ALA A 93 -0.61 3.10 7.83
CA ALA A 93 0.78 3.36 7.48
C ALA A 93 0.87 4.44 6.41
N CYS A 94 1.88 5.29 6.53
CA CYS A 94 2.15 6.31 5.52
C CYS A 94 3.62 6.21 5.15
N ILE A 95 3.91 6.28 3.86
CA ILE A 95 5.26 6.15 3.38
C ILE A 95 5.64 7.43 2.65
N VAL A 96 6.78 8.00 3.00
CA VAL A 96 7.28 9.18 2.33
C VAL A 96 8.24 8.73 1.24
N ALA A 97 7.98 9.13 0.00
CA ALA A 97 8.86 8.71 -1.08
C ALA A 97 9.60 9.90 -1.66
N ASP A 98 10.93 9.86 -1.59
CA ASP A 98 11.77 10.75 -2.38
C ASP A 98 12.29 9.92 -3.53
N GLU A 99 13.24 10.44 -4.28
CA GLU A 99 13.72 9.76 -5.48
C GLU A 99 14.30 8.38 -5.22
N LYS A 100 15.16 8.28 -4.21
CA LYS A 100 15.77 7.00 -3.87
C LYS A 100 14.72 5.96 -3.48
N CYS A 101 13.74 6.39 -2.70
CA CYS A 101 12.63 5.50 -2.32
CA CYS A 101 12.61 5.55 -2.33
C CYS A 101 11.85 5.09 -3.57
N LEU A 102 11.49 6.06 -4.41
CA LEU A 102 10.72 5.76 -5.61
C LEU A 102 11.43 4.73 -6.48
N LYS A 103 12.72 4.95 -6.75
CA LYS A 103 13.50 4.00 -7.55
C LYS A 103 13.45 2.61 -6.92
N ARG A 104 13.53 2.56 -5.60
CA ARG A 104 13.47 1.28 -4.92
C ARG A 104 12.12 0.59 -5.13
N LEU A 105 11.02 1.33 -4.94
CA LEU A 105 9.68 0.77 -5.13
C LEU A 105 9.49 0.22 -6.54
N ILE A 106 10.01 0.96 -7.52
CA ILE A 106 9.97 0.53 -8.91
C ILE A 106 10.74 -0.79 -9.10
N GLU A 107 11.98 -0.84 -8.63
CA GLU A 107 12.81 -2.05 -8.71
C GLU A 107 12.08 -3.23 -8.10
N LEU A 108 11.37 -2.97 -7.01
CA LEU A 108 10.73 -4.04 -6.25
C LEU A 108 9.45 -4.55 -6.90
N GLY A 109 8.90 -3.79 -7.85
CA GLY A 109 7.67 -4.20 -8.49
C GLY A 109 6.50 -4.10 -7.53
N VAL A 110 6.59 -3.15 -6.61
CA VAL A 110 5.58 -2.97 -5.57
C VAL A 110 4.16 -2.73 -6.11
N LYS A 111 3.17 -3.39 -5.51
CA LYS A 111 1.77 -3.19 -5.86
C LYS A 111 0.87 -3.42 -4.63
N ASP A 112 -0.45 -3.27 -4.81
CA ASP A 112 -1.40 -3.34 -3.69
C ASP A 112 -1.20 -4.63 -2.92
N SER A 113 -1.13 -4.51 -1.59
CA SER A 113 -0.89 -5.67 -0.76
C SER A 113 -2.01 -6.72 -0.89
N LYS A 114 -3.20 -6.29 -1.30
CA LYS A 114 -4.32 -7.22 -1.46
C LYS A 114 -4.02 -8.33 -2.46
N LYS A 115 -3.07 -8.07 -3.37
CA LYS A 115 -2.74 -8.98 -4.45
C LYS A 115 -1.50 -9.80 -4.15
N LEU A 116 -1.07 -9.77 -2.89
CA LEU A 116 0.20 -10.39 -2.52
C LEU A 116 0.02 -11.41 -1.41
N SER A 117 0.82 -12.48 -1.46
CA SER A 117 0.81 -13.47 -0.39
C SER A 117 1.44 -12.90 0.86
N ASN A 118 1.20 -13.55 2.00
CA ASN A 118 1.74 -13.10 3.28
C ASN A 118 3.27 -13.01 3.32
N GLU A 119 3.93 -14.02 2.77
CA GLU A 119 5.38 -14.06 2.73
C GLU A 119 5.93 -12.93 1.85
N LYS A 120 5.25 -12.64 0.75
CA LYS A 120 5.69 -11.58 -0.14
C LYS A 120 5.58 -10.22 0.56
N VAL A 121 4.45 -10.00 1.23
CA VAL A 121 4.21 -8.78 2.00
C VAL A 121 5.27 -8.50 3.07
N GLU A 122 5.54 -9.49 3.92
CA GLU A 122 6.58 -9.37 4.93
C GLU A 122 7.96 -9.10 4.32
N GLU A 123 8.26 -9.77 3.21
CA GLU A 123 9.54 -9.57 2.54
C GLU A 123 9.62 -8.15 2.00
N LEU A 124 8.56 -7.71 1.32
CA LEU A 124 8.57 -6.39 0.70
C LEU A 124 8.56 -5.27 1.74
N ALA A 125 7.80 -5.44 2.82
CA ALA A 125 7.74 -4.38 3.83
C ALA A 125 9.11 -4.06 4.41
N SER A 126 9.92 -5.08 4.67
CA SER A 126 11.27 -4.81 5.18
C SER A 126 12.16 -4.11 4.14
N GLU A 127 12.05 -4.52 2.87
CA GLU A 127 12.76 -3.81 1.81
C GLU A 127 12.31 -2.36 1.75
N ILE A 128 11.01 -2.14 1.83
CA ILE A 128 10.47 -0.80 1.77
C ILE A 128 11.02 0.06 2.91
N THR A 129 10.85 -0.41 4.15
CA THR A 129 11.22 0.39 5.31
C THR A 129 12.73 0.56 5.50
N GLU A 130 13.50 -0.26 4.80
CA GLU A 130 14.96 -0.06 4.79
C GLU A 130 15.39 1.14 3.94
N THR A 131 14.52 1.57 3.03
CA THR A 131 14.87 2.66 2.12
C THR A 131 14.06 3.91 2.40
N CYS A 132 12.77 3.74 2.66
CA CYS A 132 11.85 4.86 2.79
C CYS A 132 11.60 5.23 4.24
N HIS A 133 11.39 6.51 4.51
CA HIS A 133 10.89 6.97 5.79
C HIS A 133 9.38 6.82 5.78
N GLY A 134 8.76 6.87 6.94
CA GLY A 134 7.31 6.76 7.02
C GLY A 134 6.83 6.80 8.46
N LYS A 135 5.58 6.40 8.67
CA LYS A 135 5.01 6.42 10.02
C LYS A 135 3.88 5.40 10.03
N VAL A 136 3.80 4.65 11.13
CA VAL A 136 2.78 3.62 11.29
C VAL A 136 2.03 3.89 12.59
N LYS A 137 0.70 3.88 12.53
CA LYS A 137 -0.10 3.85 13.74
C LYS A 137 -0.68 2.44 13.92
N LEU A 138 -0.26 1.76 14.99
CA LEU A 138 -0.76 0.43 15.31
C LEU A 138 -1.78 0.47 16.45
N LEU A 139 -2.98 -0.06 16.19
CA LEU A 139 -3.98 -0.23 17.25
C LEU A 139 -4.35 -1.71 17.45
N ILE A 140 -3.69 -2.38 18.39
CA ILE A 140 -4.08 -3.73 18.77
C ILE A 140 -5.50 -3.66 19.33
N PRO A 141 -6.23 -4.80 19.35
CA PRO A 141 -7.64 -4.77 19.77
C PRO A 141 -7.92 -4.07 21.12
N GLU A 142 -7.06 -4.27 22.11
CA GLU A 142 -7.31 -3.63 23.41
C GLU A 142 -7.31 -2.12 23.22
N LYS A 143 -6.31 -1.62 22.50
CA LYS A 143 -6.27 -0.19 22.18
C LYS A 143 -7.38 0.25 21.24
N TYR A 144 -7.64 -0.56 20.20
CA TYR A 144 -8.69 -0.23 19.23
C TYR A 144 -10.04 -0.05 19.93
N ASN A 145 -10.35 -0.99 20.83
CA ASN A 145 -11.65 -0.97 21.48
C ASN A 145 -11.86 0.27 22.39
N ARG A 146 -10.79 0.70 23.04
CA ARG A 146 -10.82 1.94 23.81
C ARG A 146 -11.01 3.15 22.89
N ALA A 147 -10.21 3.23 21.82
CA ALA A 147 -10.35 4.34 20.87
C ALA A 147 -11.74 4.37 20.27
N TYR A 148 -12.29 3.21 19.94
CA TYR A 148 -13.60 3.17 19.31
C TYR A 148 -14.69 3.71 20.23
N SER A 149 -14.49 3.59 21.55
CA SER A 149 -15.47 4.07 22.50
C SER A 149 -15.70 5.58 22.39
N LYS A 150 -14.65 6.31 22.06
CA LYS A 150 -14.74 7.77 21.91
C LYS A 150 -15.33 8.18 20.58
N PHE A 151 -15.20 7.32 19.57
CA PHE A 151 -15.58 7.72 18.21
C PHE A 151 -16.94 7.17 17.78
N LYS A 152 -17.25 5.98 18.29
CA LYS A 152 -18.51 5.30 17.97
C LYS A 152 -18.79 5.24 16.46
N ASN A 153 -17.72 5.27 15.66
CA ASN A 153 -17.80 5.17 14.20
C ASN A 153 -16.40 5.02 13.60
N ILE A 154 -16.19 3.94 12.86
CA ILE A 154 -14.86 3.59 12.38
C ILE A 154 -14.26 4.65 11.45
N ASN A 155 -15.11 5.31 10.67
CA ASN A 155 -14.63 6.37 9.80
C ASN A 155 -14.10 7.56 10.60
N ARG A 156 -14.81 7.92 11.67
CA ARG A 156 -14.35 9.00 12.54
C ARG A 156 -13.01 8.64 13.18
N LEU A 157 -12.89 7.40 13.65
CA LEU A 157 -11.62 6.92 14.19
C LEU A 157 -10.52 6.98 13.12
N LEU A 158 -10.77 6.42 11.95
CA LEU A 158 -9.81 6.45 10.85
C LEU A 158 -9.40 7.90 10.51
N GLU A 159 -10.38 8.79 10.42
CA GLU A 159 -10.09 10.19 10.12
C GLU A 159 -9.09 10.79 11.12
N ALA A 160 -9.37 10.62 12.41
CA ALA A 160 -8.48 11.13 13.45
C ALA A 160 -7.08 10.56 13.32
N VAL A 161 -6.98 9.26 13.01
CA VAL A 161 -5.68 8.61 12.93
C VAL A 161 -4.90 9.11 11.72
N TYR A 162 -5.58 9.19 10.58
CA TYR A 162 -4.93 9.68 9.36
C TYR A 162 -4.54 11.16 9.51
N ARG A 163 -5.47 11.96 10.03
CA ARG A 163 -5.22 13.38 10.22
C ARG A 163 -3.96 13.62 11.03
N GLU A 164 -3.75 12.84 12.09
CA GLU A 164 -2.55 13.04 12.92
C GLU A 164 -1.25 12.66 12.22
N ILE A 165 -1.24 11.48 11.58
CA ILE A 165 -0.02 11.01 10.90
C ILE A 165 0.36 11.91 9.73
N VAL A 166 -0.64 12.25 8.91
CA VAL A 166 -0.38 13.03 7.72
C VAL A 166 0.09 14.43 8.09
N SER A 167 -0.55 15.01 9.11
CA SER A 167 -0.14 16.33 9.58
C SER A 167 1.32 16.32 10.02
N ASP A 168 1.68 15.35 10.86
CA ASP A 168 3.05 15.26 11.35
C ASP A 168 4.05 15.02 10.21
N LEU A 169 3.72 14.12 9.29
CA LEU A 169 4.64 13.84 8.18
C LEU A 169 4.77 15.04 7.23
N CYS A 170 3.68 15.80 7.05
CA CYS A 170 3.73 16.96 6.16
C CYS A 170 4.57 18.09 6.76
N GLU A 171 4.47 18.27 8.07
CA GLU A 171 5.27 19.27 8.76
C GLU A 171 6.75 18.93 8.66
N LYS A 172 7.06 17.65 8.75
CA LYS A 172 8.43 17.16 8.76
C LYS A 172 9.04 17.11 7.36
N PHE A 173 8.27 16.65 6.37
CA PHE A 173 8.84 16.35 5.07
C PHE A 173 8.41 17.29 3.94
N SER A 174 7.35 18.05 4.17
CA SER A 174 6.82 18.99 3.16
C SER A 174 6.78 18.40 1.74
N PRO A 175 5.90 17.41 1.51
CA PRO A 175 5.81 16.74 0.20
C PRO A 175 5.07 17.59 -0.81
N LYS A 176 5.23 17.29 -2.09
CA LYS A 176 4.47 17.98 -3.12
C LYS A 176 3.06 17.43 -3.25
N VAL A 177 2.90 16.13 -3.00
CA VAL A 177 1.62 15.45 -3.19
C VAL A 177 1.36 14.49 -2.03
N VAL A 178 0.10 14.37 -1.62
CA VAL A 178 -0.31 13.37 -0.64
C VAL A 178 -1.45 12.56 -1.28
N VAL A 179 -1.32 11.24 -1.31
CA VAL A 179 -2.33 10.37 -1.90
C VAL A 179 -2.83 9.35 -0.88
N VAL A 180 -4.15 9.19 -0.78
CA VAL A 180 -4.72 8.24 0.19
C VAL A 180 -5.97 7.57 -0.37
N ASP A 181 -6.22 6.33 0.04
N ASP A 181 -6.21 6.33 0.05
CA ASP A 181 -7.44 5.63 -0.35
CA ASP A 181 -7.45 5.64 -0.30
C ASP A 181 -8.65 6.36 0.23
C ASP A 181 -8.63 6.42 0.22
N LYS A 182 -9.73 6.43 -0.53
CA LYS A 182 -10.95 7.04 -0.05
C LYS A 182 -11.58 6.07 0.96
N PHE A 183 -11.25 6.24 2.23
CA PHE A 183 -11.74 5.36 3.27
C PHE A 183 -13.05 5.83 3.91
N SER A 184 -13.40 7.09 3.66
CA SER A 184 -14.68 7.65 4.09
C SER A 184 -15.03 8.84 3.21
N ASN A 185 -16.31 9.18 3.16
CA ASN A 185 -16.73 10.31 2.34
C ASN A 185 -16.23 11.64 2.91
N ARG A 186 -15.67 11.59 4.10
CA ARG A 186 -15.23 12.79 4.80
C ARG A 186 -13.70 12.91 4.84
N ALA A 187 -12.99 11.91 4.29
CA ALA A 187 -11.53 11.86 4.40
C ALA A 187 -10.84 13.08 3.79
N GLU A 188 -11.27 13.49 2.60
CA GLU A 188 -10.68 14.66 1.95
C GLU A 188 -10.83 15.88 2.85
N GLU A 189 -12.07 16.13 3.26
CA GLU A 189 -12.45 17.22 4.16
C GLU A 189 -11.56 17.30 5.41
N VAL A 190 -11.29 16.16 6.03
CA VAL A 190 -10.45 16.13 7.21
C VAL A 190 -8.98 16.40 6.89
N LEU A 191 -8.51 15.87 5.76
CA LEU A 191 -7.08 15.97 5.46
C LEU A 191 -6.69 17.29 4.78
N LYS A 192 -7.66 17.94 4.13
CA LYS A 192 -7.41 19.19 3.39
C LYS A 192 -6.59 20.22 4.15
N ASP A 193 -6.85 20.38 5.44
CA ASP A 193 -6.21 21.47 6.19
C ASP A 193 -4.97 21.10 6.99
N VAL A 194 -4.41 19.92 6.77
CA VAL A 194 -3.16 19.55 7.43
C VAL A 194 -2.01 19.26 6.46
N VAL A 195 -2.31 19.24 5.15
CA VAL A 195 -1.31 18.93 4.12
C VAL A 195 -0.47 20.15 3.67
N LYS A 196 -0.69 21.30 4.30
CA LYS A 196 -0.07 22.57 3.90
C LYS A 196 -0.20 22.84 2.39
N GLY A 197 0.92 23.09 1.71
CA GLY A 197 0.86 23.42 0.29
C GLY A 197 0.86 22.22 -0.65
N ALA A 198 0.86 21.02 -0.10
CA ALA A 198 0.87 19.81 -0.92
C ALA A 198 -0.44 19.64 -1.67
N ARG A 199 -0.37 19.05 -2.86
CA ARG A 199 -1.59 18.62 -3.54
C ARG A 199 -2.11 17.35 -2.84
N LEU A 200 -3.40 17.34 -2.52
CA LEU A 200 -4.01 16.19 -1.84
C LEU A 200 -4.90 15.40 -2.78
N GLU A 201 -4.67 14.09 -2.85
CA GLU A 201 -5.54 13.23 -3.63
C GLU A 201 -6.15 12.12 -2.78
N VAL A 202 -7.48 12.17 -2.63
CA VAL A 202 -8.23 11.13 -1.96
C VAL A 202 -9.15 10.50 -3.00
N ARG A 203 -8.90 9.24 -3.35
CA ARG A 203 -9.60 8.62 -4.46
C ARG A 203 -9.60 7.09 -4.39
N PRO A 204 -10.60 6.47 -5.06
CA PRO A 204 -10.62 5.01 -5.08
C PRO A 204 -9.44 4.48 -5.88
N LYS A 205 -9.13 3.20 -5.74
CA LYS A 205 -8.00 2.58 -6.44
C LYS A 205 -6.71 3.39 -6.27
N ALA A 206 -6.53 3.97 -5.07
CA ALA A 206 -5.36 4.79 -4.79
C ALA A 206 -4.08 3.97 -4.84
N GLU A 207 -4.19 2.64 -4.75
CA GLU A 207 -3.02 1.76 -4.72
C GLU A 207 -2.35 1.66 -6.08
N ASP A 208 -2.94 2.30 -7.08
CA ASP A 208 -2.28 2.44 -8.38
C ASP A 208 -1.04 3.33 -8.24
N ASP A 209 -1.02 4.15 -7.19
CA ASP A 209 0.14 4.96 -6.83
C ASP A 209 1.18 4.11 -6.10
N LEU A 210 2.44 4.21 -6.51
CA LEU A 210 3.51 3.41 -5.90
C LEU A 210 3.65 3.60 -4.38
N ALA A 211 3.52 4.84 -3.91
CA ALA A 211 3.73 5.12 -2.50
C ALA A 211 2.56 4.60 -1.64
N VAL A 212 1.35 4.71 -2.19
CA VAL A 212 0.18 4.14 -1.53
C VAL A 212 0.31 2.62 -1.44
N ALA A 213 0.75 1.98 -2.52
CA ALA A 213 0.94 0.55 -2.51
C ALA A 213 2.01 0.13 -1.49
N ALA A 214 3.13 0.86 -1.48
CA ALA A 214 4.17 0.61 -0.50
C ALA A 214 3.57 0.71 0.90
N ALA A 215 2.73 1.71 1.12
CA ALA A 215 2.12 1.86 2.44
C ALA A 215 1.18 0.70 2.76
N SER A 216 0.49 0.14 1.76
CA SER A 216 -0.45 -0.95 2.02
C SER A 216 0.31 -2.20 2.45
N ILE A 217 1.50 -2.36 1.89
CA ILE A 217 2.37 -3.49 2.19
C ILE A 217 2.92 -3.39 3.62
N VAL A 218 3.36 -2.18 4.00
CA VAL A 218 3.86 -1.94 5.35
C VAL A 218 2.73 -2.11 6.37
N ALA A 219 1.59 -1.49 6.11
CA ALA A 219 0.46 -1.64 7.04
C ALA A 219 0.07 -3.11 7.20
N LYS A 220 0.04 -3.86 6.09
CA LYS A 220 -0.36 -5.26 6.14
C LYS A 220 0.68 -6.12 6.88
N ALA A 221 1.96 -5.88 6.62
CA ALA A 221 3.00 -6.64 7.30
C ALA A 221 2.97 -6.38 8.80
N VAL A 222 2.69 -5.13 9.20
CA VAL A 222 2.59 -4.83 10.63
C VAL A 222 1.44 -5.62 11.24
N ARG A 223 0.31 -5.67 10.53
CA ARG A 223 -0.82 -6.46 11.00
C ARG A 223 -0.45 -7.95 11.17
N LEU A 224 0.20 -8.52 10.14
CA LEU A 224 0.55 -9.95 10.16
C LEU A 224 1.50 -10.26 11.31
N LYS A 225 2.46 -9.36 11.52
CA LYS A 225 3.40 -9.53 12.64
C LYS A 225 2.67 -9.50 13.97
N THR A 226 1.74 -8.56 14.11
CA THR A 226 0.96 -8.41 15.34
C THR A 226 0.03 -9.62 15.58
N MET A 227 -0.58 -10.13 14.51
CA MET A 227 -1.42 -11.33 14.61
C MET A 227 -0.65 -12.51 15.18
N LYS A 228 0.57 -12.74 14.69
CA LYS A 228 1.43 -13.77 15.25
C LYS A 228 1.73 -13.54 16.73
N GLU A 229 2.05 -12.30 17.10
CA GLU A 229 2.33 -11.97 18.49
C GLU A 229 1.10 -12.23 19.35
N LEU A 230 -0.07 -11.84 18.87
CA LEU A 230 -1.30 -12.06 19.64
C LEU A 230 -1.53 -13.56 19.86
N GLU A 231 -1.20 -14.37 18.86
CA GLU A 231 -1.39 -15.81 18.94
C GLU A 231 -0.49 -16.44 20.00
N LYS A 232 0.75 -15.99 20.07
CA LYS A 232 1.70 -16.58 21.00
C LYS A 232 1.44 -16.02 22.41
N ARG A 233 1.03 -14.77 22.47
CA ARG A 233 0.72 -14.09 23.72
C ARG A 233 -0.47 -14.70 24.47
N PHE A 234 -1.51 -15.07 23.74
CA PHE A 234 -2.72 -15.54 24.39
C PHE A 234 -3.01 -16.99 24.08
N LYS A 235 -2.02 -17.64 23.48
CA LYS A 235 -2.08 -19.08 23.19
C LYS A 235 -3.35 -19.44 22.46
N VAL A 236 -3.60 -18.74 21.36
CA VAL A 236 -4.85 -18.88 20.63
C VAL A 236 -4.53 -18.91 19.13
N LYS A 237 -5.35 -19.61 18.35
CA LYS A 237 -5.12 -19.66 16.92
C LYS A 237 -6.08 -18.68 16.23
N LEU A 238 -5.56 -17.82 15.35
CA LEU A 238 -6.36 -16.71 14.81
C LEU A 238 -6.40 -16.69 13.28
N PRO A 239 -7.59 -16.47 12.72
CA PRO A 239 -7.77 -16.32 11.27
C PRO A 239 -7.38 -14.91 10.87
N GLU A 240 -6.68 -14.76 9.74
CA GLU A 240 -6.30 -13.43 9.29
C GLU A 240 -7.49 -12.62 8.76
N GLY A 241 -8.47 -13.33 8.20
CA GLY A 241 -9.70 -12.71 7.71
C GLY A 241 -10.94 -13.16 8.47
N ASN A 242 -12.12 -12.85 7.92
CA ASN A 242 -13.37 -13.15 8.64
C ASN A 242 -13.93 -14.56 8.38
N THR A 243 -13.25 -15.57 8.94
CA THR A 243 -13.71 -16.94 8.81
C THR A 243 -13.93 -17.60 10.19
N GLY A 244 -15.02 -18.37 10.31
CA GLY A 244 -15.30 -19.13 11.53
C GLY A 244 -15.47 -18.29 12.78
N LEU A 245 -16.09 -17.12 12.65
CA LEU A 245 -16.09 -16.13 13.73
C LEU A 245 -17.01 -16.50 14.90
N ALA A 246 -18.16 -17.09 14.60
CA ALA A 246 -19.10 -17.50 15.65
C ALA A 246 -18.45 -18.55 16.53
N GLU A 247 -17.83 -19.55 15.90
CA GLU A 247 -17.17 -20.60 16.66
C GLU A 247 -15.99 -20.03 17.44
N LEU A 248 -15.23 -19.15 16.80
CA LEU A 248 -14.08 -18.52 17.44
C LEU A 248 -14.49 -17.72 18.68
N LEU A 249 -15.61 -17.00 18.58
CA LEU A 249 -16.17 -16.31 19.74
C LEU A 249 -16.47 -17.25 20.89
N LYS A 250 -17.12 -18.38 20.59
CA LYS A 250 -17.47 -19.33 21.65
C LYS A 250 -16.24 -19.98 22.24
N LYS A 251 -15.25 -20.28 21.40
CA LYS A 251 -14.05 -20.97 21.85
C LYS A 251 -13.19 -20.10 22.77
N THR A 252 -13.16 -18.81 22.46
CA THR A 252 -12.28 -17.86 23.13
C THR A 252 -12.83 -17.44 24.51
N PRO A 253 -12.00 -17.55 25.55
CA PRO A 253 -12.39 -17.08 26.89
C PRO A 253 -12.83 -15.61 26.85
N LYS A 254 -13.96 -15.32 27.49
CA LYS A 254 -14.59 -14.01 27.40
C LYS A 254 -13.64 -12.85 27.72
N GLU A 255 -12.75 -13.07 28.67
CA GLU A 255 -11.87 -12.01 29.14
C GLU A 255 -10.79 -11.68 28.12
N LEU A 256 -10.68 -12.50 27.07
CA LEU A 256 -9.72 -12.25 26.00
C LEU A 256 -10.34 -11.58 24.79
N HIS A 257 -11.68 -11.45 24.79
CA HIS A 257 -12.37 -10.83 23.65
C HIS A 257 -11.87 -9.40 23.36
N GLU A 258 -11.80 -8.56 24.37
CA GLU A 258 -11.32 -7.19 24.15
C GLU A 258 -9.86 -7.14 23.70
N LYS A 259 -9.13 -8.23 23.93
CA LYS A 259 -7.72 -8.26 23.55
C LYS A 259 -7.48 -8.88 22.17
N LEU A 260 -8.52 -9.44 21.57
CA LEU A 260 -8.37 -10.15 20.31
C LEU A 260 -9.28 -9.61 19.18
N PHE A 261 -10.45 -9.08 19.53
CA PHE A 261 -11.47 -8.77 18.55
C PHE A 261 -11.90 -7.31 18.57
N LYS A 262 -12.49 -6.86 17.47
CA LYS A 262 -13.10 -5.54 17.39
C LYS A 262 -14.55 -5.68 17.84
N LEU A 263 -14.80 -5.36 19.10
CA LEU A 263 -16.05 -5.73 19.77
C LEU A 263 -17.29 -5.10 19.15
N HIS A 264 -17.16 -3.90 18.60
CA HIS A 264 -18.34 -3.26 18.02
C HIS A 264 -18.89 -3.99 16.78
N PHE A 265 -18.10 -4.89 16.20
CA PHE A 265 -18.56 -5.66 15.04
C PHE A 265 -19.71 -6.57 15.43
N SER A 266 -20.61 -6.78 14.48
CA SER A 266 -21.67 -7.77 14.66
C SER A 266 -21.39 -8.90 13.68
N VAL A 267 -20.85 -10.00 14.20
CA VAL A 267 -20.38 -11.11 13.38
C VAL A 267 -21.24 -12.34 13.53
MG MG D . -4.83 -1.61 2.51
S SO4 E . -1.19 11.66 -9.09
O1 SO4 E . -2.44 12.41 -8.94
O2 SO4 E . -0.10 12.44 -8.49
O3 SO4 E . -1.33 10.37 -8.40
O4 SO4 E . -0.90 11.40 -10.49
S SO4 F . -6.50 -25.45 19.69
O1 SO4 F . -7.26 -26.49 19.00
O2 SO4 F . -7.28 -24.93 20.82
O3 SO4 F . -5.25 -26.02 20.20
O4 SO4 F . -6.23 -24.36 18.76
S SO4 G . 4.49 24.27 1.38
O1 SO4 G . 3.64 23.08 1.37
O2 SO4 G . 4.17 25.05 2.59
O3 SO4 G . 5.89 23.85 1.37
O4 SO4 G . 4.23 25.07 0.18
S SO4 H . 18.95 -11.34 -16.31
O1 SO4 H . 18.33 -10.06 -16.65
O2 SO4 H . 19.94 -11.09 -15.27
O3 SO4 H . 17.94 -12.27 -15.84
O4 SO4 H . 19.62 -11.92 -17.48
S SO4 I . -18.78 8.86 5.79
O1 SO4 I . -18.35 7.98 4.70
O2 SO4 I . -20.13 9.35 5.52
O3 SO4 I . -18.75 8.12 7.05
O4 SO4 I . -17.86 10.00 5.89
S SO4 J . -15.83 -18.06 29.34
O1 SO4 J . -17.08 -18.82 29.37
O2 SO4 J . -15.77 -17.16 30.49
O3 SO4 J . -14.68 -18.97 29.39
O4 SO4 J . -15.79 -17.25 28.13
C1 GOL K . -4.23 21.61 -5.53
O1 GOL K . -2.84 21.83 -5.45
C2 GOL K . -4.74 21.06 -4.19
O2 GOL K . -5.65 21.93 -3.56
C3 GOL K . -5.48 19.75 -4.36
O3 GOL K . -5.63 19.23 -3.06
S SO4 L . -22.42 -4.93 3.70
O1 SO4 L . -23.28 -5.76 2.85
O2 SO4 L . -22.64 -5.25 5.09
O3 SO4 L . -21.02 -5.25 3.36
O4 SO4 L . -22.71 -3.51 3.50
#